data_5FUN
#
_entry.id   5FUN
#
_cell.length_a   142.842
_cell.length_b   142.842
_cell.length_c   152.011
_cell.angle_alpha   90.00
_cell.angle_beta   90.00
_cell.angle_gamma   120.00
#
_symmetry.space_group_name_H-M   'P 65 2 2'
#
loop_
_entity.id
_entity.type
_entity.pdbx_description
1 polymer 'LYSINE-SPECIFIC DEMETHYLASE 5B'
2 non-polymer 'ZINC ION'
3 non-polymer 2-[(1-benzyl-1H-pyrazol-4-yl)oxy]pyrido[3,4-d]pyrimidin-4(3H)-one
4 non-polymer 'MANGANESE (II) ION'
5 non-polymer 'SODIUM ION'
6 non-polymer 'PHOSPHATE ION'
7 non-polymer '4-(2-HYDROXYETHYL)-1-PIPERAZINE ETHANESULFONIC ACID'
8 non-polymer 1,2-ETHANEDIOL
9 water water
#
_entity_poly.entity_id   1
_entity_poly.type   'polypeptide(L)'
_entity_poly.pdbx_seq_one_letter_code
;SMFLPPPECPVFEPSWEEFADPFAFIHKIRPIAEQTGICKVRPPPDWQPPFACDVDKLHFTPRIQRLNELEAQTRVKLGG
GGARDYTLRTFGEMADAFKSDYFNMPVHMVPTELVEKEFWRLVSTIEEDVTVEYGADIASKEFGSGFPVRDGKIKLSPEE
EEYLDSGWNLNNMPVMEQSVLAHITADICGMKLPWLYVGMCFSSFCWHIEDHWSYSINYLHWGEPKTWYGVPGYAAEQLE
NVMKKLAPELFVSQPDLLHQLVTIMNPNTLMTHEVPVYRTNQCAGEFVITFPRAYHSGFNQGFNFAEAVNFCTVDWLPLG
RQCVEHYRLLHRYCVFSHDEMICKMASKADVLDVVVASTVQKDMAIMIEDEKALRETVRKLGVIDSERMDFELLPDDERQ
CVKCKTTCFMSAISCSCKPGLLVCLHHVKELCSCPPYKYKLRYRYTLDDLYPMMNALKLRAESYNEWALNVNEALEAKIN
K
;
_entity_poly.pdbx_strand_id   A
#
loop_
_chem_comp.id
_chem_comp.type
_chem_comp.name
_chem_comp.formula
EDO non-polymer 1,2-ETHANEDIOL 'C2 H6 O2'
EPE non-polymer '4-(2-HYDROXYETHYL)-1-PIPERAZINE ETHANESULFONIC ACID' 'C8 H18 N2 O4 S'
GZA non-polymer 2-[(1-benzyl-1H-pyrazol-4-yl)oxy]pyrido[3,4-d]pyrimidin-4(3H)-one 'C17 H13 N5 O2'
MN non-polymer 'MANGANESE (II) ION' 'Mn 2'
NA non-polymer 'SODIUM ION' 'Na 1'
PO4 non-polymer 'PHOSPHATE ION' 'O4 P -3'
ZN non-polymer 'ZINC ION' 'Zn 2'
#
# COMPACT_ATOMS: atom_id res chain seq x y z
N SER A 1 -16.42 -8.84 27.61
CA SER A 1 -17.73 -9.47 27.49
C SER A 1 -18.31 -9.25 26.09
N MET A 2 -18.46 -7.99 25.70
CA MET A 2 -18.84 -7.67 24.34
C MET A 2 -17.60 -7.38 23.50
N PHE A 3 -16.67 -6.61 24.06
CA PHE A 3 -15.40 -6.38 23.38
C PHE A 3 -14.21 -6.54 24.31
N LEU A 4 -13.35 -7.51 23.98
CA LEU A 4 -12.11 -7.72 24.69
C LEU A 4 -10.95 -7.27 23.81
N PRO A 5 -10.35 -6.12 24.15
CA PRO A 5 -9.28 -5.50 23.36
C PRO A 5 -8.12 -6.44 23.09
N PRO A 6 -7.68 -6.50 21.82
CA PRO A 6 -6.49 -7.27 21.45
C PRO A 6 -5.25 -6.75 22.19
N PRO A 7 -4.21 -7.58 22.32
CA PRO A 7 -2.97 -7.11 22.98
C PRO A 7 -2.32 -5.97 22.21
N GLU A 8 -1.57 -5.12 22.90
CA GLU A 8 -0.93 -3.98 22.27
C GLU A 8 0.21 -4.41 21.35
N CYS A 9 0.39 -3.67 20.26
CA CYS A 9 1.50 -3.91 19.35
C CYS A 9 2.77 -3.30 19.93
N PRO A 10 3.95 -3.63 19.38
CA PRO A 10 5.19 -3.01 19.87
C PRO A 10 5.20 -1.49 19.73
N VAL A 11 5.76 -0.82 20.73
CA VAL A 11 5.99 0.62 20.66
C VAL A 11 7.47 0.91 20.76
N PHE A 12 8.00 1.66 19.79
CA PHE A 12 9.43 1.95 19.76
C PHE A 12 9.72 3.41 20.06
N GLU A 13 10.69 3.64 20.94
CA GLU A 13 11.17 4.98 21.23
C GLU A 13 12.66 5.06 20.94
N PRO A 14 13.01 5.34 19.67
CA PRO A 14 14.42 5.40 19.28
C PRO A 14 15.13 6.66 19.76
N SER A 15 16.41 6.54 20.06
CA SER A 15 17.25 7.71 20.29
C SER A 15 17.42 8.43 18.96
N TRP A 16 18.03 9.62 18.98
CA TRP A 16 18.20 10.36 17.73
C TRP A 16 19.23 9.67 16.84
N GLU A 17 20.12 8.91 17.46
CA GLU A 17 21.10 8.13 16.71
C GLU A 17 20.40 7.09 15.84
N GLU A 18 19.42 6.40 16.43
CA GLU A 18 18.65 5.39 15.72
C GLU A 18 17.65 6.03 14.76
N PHE A 19 17.17 7.22 15.12
CA PHE A 19 16.16 7.93 14.34
C PHE A 19 16.76 8.60 13.11
N ALA A 20 18.08 8.52 12.98
CA ALA A 20 18.79 9.16 11.89
C ALA A 20 18.28 8.73 10.52
N ASP A 21 18.30 7.42 10.27
CA ASP A 21 17.79 6.88 9.01
C ASP A 21 16.61 5.96 9.26
N PRO A 22 15.45 6.30 8.68
CA PRO A 22 14.21 5.52 8.82
C PRO A 22 14.38 4.06 8.42
N PHE A 23 15.07 3.83 7.30
CA PHE A 23 15.22 2.48 6.75
C PHE A 23 16.13 1.61 7.61
N ALA A 24 17.16 2.21 8.19
CA ALA A 24 18.05 1.49 9.09
C ALA A 24 17.26 1.03 10.32
N PHE A 25 16.43 1.94 10.83
CA PHE A 25 15.60 1.65 12.00
C PHE A 25 14.53 0.60 11.69
N ILE A 26 13.89 0.73 10.53
CA ILE A 26 12.87 -0.22 10.12
C ILE A 26 13.47 -1.62 9.95
N HIS A 27 14.68 -1.67 9.39
CA HIS A 27 15.41 -2.93 9.27
C HIS A 27 15.74 -3.49 10.65
N LYS A 28 16.03 -2.59 11.59
CA LYS A 28 16.41 -2.98 12.95
C LYS A 28 15.25 -3.61 13.71
N ILE A 29 14.06 -2.99 13.60
CA ILE A 29 12.90 -3.42 14.37
C ILE A 29 12.11 -4.52 13.65
N ARG A 30 12.48 -4.79 12.41
CA ARG A 30 11.73 -5.73 11.57
C ARG A 30 11.51 -7.12 12.19
N PRO A 31 12.56 -7.73 12.81
CA PRO A 31 12.30 -9.05 13.41
C PRO A 31 11.20 -9.03 14.47
N ILE A 32 11.04 -7.90 15.16
CA ILE A 32 10.01 -7.76 16.17
C ILE A 32 8.66 -7.40 15.56
N ALA A 33 8.63 -6.30 14.81
CA ALA A 33 7.39 -5.73 14.31
C ALA A 33 6.71 -6.59 13.25
N GLU A 34 7.49 -7.42 12.57
CA GLU A 34 6.92 -8.31 11.55
C GLU A 34 6.07 -9.40 12.19
N GLN A 35 6.24 -9.61 13.49
CA GLN A 35 5.49 -10.63 14.20
C GLN A 35 4.11 -10.13 14.62
N THR A 36 3.88 -8.83 14.45
CA THR A 36 2.63 -8.21 14.86
C THR A 36 1.96 -7.46 13.71
N GLY A 37 2.69 -7.28 12.62
CA GLY A 37 2.17 -6.61 11.45
C GLY A 37 2.29 -5.09 11.52
N ILE A 38 1.89 -4.52 12.66
CA ILE A 38 2.01 -3.09 12.87
C ILE A 38 2.89 -2.78 14.07
N CYS A 39 3.46 -1.58 14.08
CA CYS A 39 4.21 -1.11 15.23
C CYS A 39 4.10 0.40 15.30
N LYS A 40 4.28 0.96 16.49
CA LYS A 40 4.20 2.39 16.68
C LYS A 40 5.59 2.96 16.94
N VAL A 41 5.87 4.12 16.36
CA VAL A 41 7.16 4.77 16.56
C VAL A 41 6.99 6.18 17.11
N ARG A 42 7.42 6.37 18.36
CA ARG A 42 7.47 7.71 18.93
C ARG A 42 8.82 8.34 18.62
N PRO A 43 8.80 9.42 17.82
CA PRO A 43 10.05 10.13 17.51
C PRO A 43 10.64 10.74 18.78
N PRO A 44 11.96 11.00 18.79
CA PRO A 44 12.61 11.73 19.88
C PRO A 44 11.82 13.00 20.22
N PRO A 45 11.73 13.32 21.52
CA PRO A 45 10.83 14.34 22.07
C PRO A 45 10.89 15.71 21.39
N ASP A 46 12.06 16.09 20.85
CA ASP A 46 12.20 17.41 20.26
C ASP A 46 12.02 17.41 18.74
N TRP A 47 11.79 16.23 18.16
CA TRP A 47 11.44 16.16 16.75
C TRP A 47 9.98 16.55 16.57
N GLN A 48 9.76 17.80 16.19
CA GLN A 48 8.41 18.31 16.04
C GLN A 48 8.27 19.16 14.78
N PRO A 49 7.95 18.50 13.65
CA PRO A 49 7.72 19.20 12.39
C PRO A 49 6.57 20.18 12.51
N PRO A 50 6.70 21.37 11.92
CA PRO A 50 5.62 22.36 12.04
C PRO A 50 4.48 22.07 11.09
N PHE A 51 3.27 21.88 11.62
CA PHE A 51 2.11 21.81 10.77
C PHE A 51 1.55 23.22 10.63
N ALA A 52 1.37 23.65 9.39
CA ALA A 52 0.84 24.99 9.13
C ALA A 52 0.11 25.04 7.79
N CYS A 53 -1.21 25.16 7.87
CA CYS A 53 -2.04 25.36 6.70
C CYS A 53 -3.26 26.18 7.12
N ASP A 54 -3.90 26.85 6.18
CA ASP A 54 -5.09 27.62 6.50
C ASP A 54 -6.31 26.70 6.53
N VAL A 55 -7.07 26.77 7.62
CA VAL A 55 -8.22 25.90 7.80
C VAL A 55 -9.38 26.29 6.90
N ASP A 56 -9.34 27.52 6.39
CA ASP A 56 -10.42 28.05 5.57
C ASP A 56 -10.14 27.91 4.09
N LYS A 57 -8.87 27.81 3.73
CA LYS A 57 -8.47 27.72 2.33
C LYS A 57 -8.30 26.27 1.89
N LEU A 58 -8.34 25.36 2.84
CA LEU A 58 -8.27 23.93 2.54
C LEU A 58 -9.66 23.35 2.39
N HIS A 59 -9.99 22.93 1.16
N HIS A 59 -10.01 22.92 1.18
CA HIS A 59 -11.29 22.37 0.82
CA HIS A 59 -11.33 22.35 0.96
C HIS A 59 -11.17 20.89 0.44
C HIS A 59 -11.28 20.98 0.30
N PHE A 60 -12.25 20.14 0.63
CA PHE A 60 -12.32 18.77 0.11
C PHE A 60 -13.74 18.22 0.09
N THR A 61 -13.94 17.25 -0.80
CA THR A 61 -15.20 16.53 -0.88
C THR A 61 -15.11 15.27 -0.02
N PRO A 62 -15.99 15.17 0.98
CA PRO A 62 -15.97 14.08 1.96
C PRO A 62 -16.64 12.80 1.44
N ARG A 63 -16.07 11.65 1.79
CA ARG A 63 -16.70 10.37 1.50
C ARG A 63 -17.62 9.97 2.65
N ILE A 64 -18.79 9.44 2.31
CA ILE A 64 -19.78 9.06 3.31
C ILE A 64 -19.62 7.59 3.69
N GLN A 65 -19.86 7.27 4.95
CA GLN A 65 -19.55 5.95 5.48
C GLN A 65 -20.67 5.39 6.36
N ARG A 66 -21.25 4.27 5.95
CA ARG A 66 -22.16 3.52 6.80
C ARG A 66 -21.34 2.62 7.73
N LEU A 67 -21.73 2.55 8.99
CA LEU A 67 -20.99 1.77 9.97
C LEU A 67 -21.66 0.42 10.24
N ASN A 68 -21.46 -0.51 9.31
CA ASN A 68 -22.04 -1.84 9.42
C ASN A 68 -21.00 -2.94 9.22
N GLU A 69 -20.90 -3.83 10.20
CA GLU A 69 -19.95 -4.94 10.12
C GLU A 69 -20.33 -5.89 8.98
N LEU A 70 -19.31 -6.36 8.27
CA LEU A 70 -19.45 -7.33 7.17
C LEU A 70 -20.14 -6.76 5.93
N GLU A 71 -20.53 -5.49 5.97
CA GLU A 71 -21.09 -4.83 4.79
C GLU A 71 -19.97 -4.40 3.85
N ALA A 72 -20.16 -4.65 2.56
CA ALA A 72 -19.15 -4.34 1.55
C ALA A 72 -18.98 -2.84 1.36
N GLN A 73 -17.76 -2.42 1.02
CA GLN A 73 -17.47 -1.01 0.77
C GLN A 73 -16.51 -0.83 -0.41
N THR A 74 -16.61 0.32 -1.07
CA THR A 74 -15.73 0.67 -2.20
C THR A 74 -15.42 2.16 -2.22
N ARG A 75 -15.14 2.68 -3.42
CA ARG A 75 -14.82 4.09 -3.58
C ARG A 75 -15.97 4.87 -4.24
N VAL A 76 -15.61 5.99 -4.87
CA VAL A 76 -16.55 6.93 -5.50
C VAL A 76 -17.71 6.24 -6.25
N ALA A 83 -22.02 14.04 -1.59
CA ALA A 83 -22.62 15.20 -0.95
C ALA A 83 -21.58 16.11 -0.32
N ARG A 84 -21.85 17.41 -0.32
CA ARG A 84 -21.11 18.40 0.45
C ARG A 84 -19.70 18.70 -0.06
N ASP A 85 -19.23 19.91 0.23
CA ASP A 85 -17.81 20.24 0.13
C ASP A 85 -17.41 21.02 1.37
N TYR A 86 -16.53 20.44 2.17
CA TYR A 86 -16.13 21.04 3.44
C TYR A 86 -14.83 21.83 3.34
N THR A 87 -14.68 22.83 4.20
CA THR A 87 -13.37 23.36 4.51
C THR A 87 -12.87 22.57 5.71
N LEU A 88 -11.59 22.69 6.02
CA LEU A 88 -11.05 21.98 7.17
C LEU A 88 -11.72 22.44 8.46
N ARG A 89 -12.07 23.73 8.50
CA ARG A 89 -12.77 24.28 9.66
C ARG A 89 -14.19 23.75 9.78
N THR A 90 -14.95 23.83 8.68
CA THR A 90 -16.35 23.44 8.70
C THR A 90 -16.51 21.94 8.95
N PHE A 91 -15.55 21.15 8.46
CA PHE A 91 -15.54 19.73 8.75
C PHE A 91 -15.30 19.51 10.24
N GLY A 92 -14.33 20.25 10.79
CA GLY A 92 -13.99 20.15 12.19
C GLY A 92 -15.15 20.52 13.09
N GLU A 93 -15.91 21.53 12.69
CA GLU A 93 -17.07 21.97 13.46
C GLU A 93 -18.16 20.91 13.43
N MET A 94 -18.32 20.26 12.29
CA MET A 94 -19.28 19.17 12.15
C MET A 94 -18.85 17.98 13.00
N ALA A 95 -17.57 17.64 12.89
CA ALA A 95 -17.01 16.50 13.61
C ALA A 95 -17.13 16.67 15.11
N ASP A 96 -16.71 17.82 15.61
CA ASP A 96 -16.78 18.11 17.05
C ASP A 96 -18.22 18.06 17.55
N ALA A 97 -19.14 18.60 16.75
CA ALA A 97 -20.55 18.62 17.13
C ALA A 97 -21.11 17.20 17.21
N PHE A 98 -20.73 16.36 16.25
CA PHE A 98 -21.20 14.98 16.20
C PHE A 98 -20.83 14.21 17.46
N LYS A 99 -19.54 14.17 17.77
CA LYS A 99 -19.04 13.44 18.92
C LYS A 99 -19.60 14.00 20.22
N SER A 100 -19.72 15.33 20.27
CA SER A 100 -20.25 16.01 21.44
C SER A 100 -21.69 15.59 21.69
N ASP A 101 -22.47 15.51 20.62
CA ASP A 101 -23.88 15.13 20.74
C ASP A 101 -24.05 13.63 21.00
N TYR A 102 -23.17 12.82 20.42
CA TYR A 102 -23.27 11.38 20.54
C TYR A 102 -23.11 10.91 21.99
N PHE A 103 -22.18 11.54 22.70
CA PHE A 103 -21.88 11.13 24.08
C PHE A 103 -22.41 12.12 25.11
N ASN A 104 -22.94 13.25 24.63
CA ASN A 104 -23.36 14.36 25.49
C ASN A 104 -22.24 14.75 26.44
N MET A 105 -21.05 14.94 25.88
CA MET A 105 -19.86 15.30 26.67
C MET A 105 -18.92 16.19 25.86
N PRO A 106 -18.07 16.96 26.56
CA PRO A 106 -16.97 17.66 25.88
C PRO A 106 -16.03 16.64 25.24
N VAL A 107 -15.58 16.91 24.02
CA VAL A 107 -14.90 15.90 23.21
C VAL A 107 -13.71 15.23 23.90
N HIS A 108 -13.15 15.87 24.92
CA HIS A 108 -11.90 15.37 25.45
C HIS A 108 -12.07 14.68 26.78
N MET A 109 -13.34 14.50 27.13
CA MET A 109 -13.70 13.78 28.32
C MET A 109 -14.19 12.38 27.96
N VAL A 110 -14.28 12.10 26.66
CA VAL A 110 -14.69 10.76 26.22
C VAL A 110 -13.49 9.82 26.19
N PRO A 111 -13.47 8.84 27.10
CA PRO A 111 -12.38 7.86 27.20
C PRO A 111 -12.21 7.06 25.91
N THR A 112 -10.96 6.82 25.52
CA THR A 112 -10.68 6.08 24.30
C THR A 112 -11.27 4.67 24.35
N GLU A 113 -11.22 4.06 25.53
CA GLU A 113 -11.76 2.72 25.72
C GLU A 113 -13.27 2.69 25.47
N LEU A 114 -13.94 3.78 25.81
CA LEU A 114 -15.39 3.88 25.59
C LEU A 114 -15.73 3.98 24.11
N VAL A 115 -15.02 4.85 23.40
CA VAL A 115 -15.24 5.04 21.97
C VAL A 115 -14.99 3.73 21.21
N GLU A 116 -13.97 3.00 21.63
CA GLU A 116 -13.64 1.71 21.02
C GLU A 116 -14.76 0.70 21.23
N LYS A 117 -15.22 0.58 22.47
CA LYS A 117 -16.30 -0.34 22.81
C LYS A 117 -17.58 0.03 22.09
N GLU A 118 -17.82 1.34 22.00
CA GLU A 118 -19.04 1.84 21.36
C GLU A 118 -19.00 1.66 19.85
N PHE A 119 -17.82 1.79 19.26
CA PHE A 119 -17.67 1.59 17.82
C PHE A 119 -18.06 0.18 17.41
N TRP A 120 -17.61 -0.80 18.18
CA TRP A 120 -17.86 -2.19 17.85
C TRP A 120 -19.29 -2.61 18.19
N ARG A 121 -19.91 -1.93 19.14
CA ARG A 121 -21.33 -2.15 19.42
C ARG A 121 -22.16 -1.58 18.27
N LEU A 122 -21.71 -0.44 17.75
CA LEU A 122 -22.43 0.28 16.73
C LEU A 122 -22.46 -0.47 15.40
N VAL A 123 -21.32 -1.02 15.00
CA VAL A 123 -21.23 -1.71 13.72
C VAL A 123 -21.88 -3.08 13.74
N SER A 124 -22.16 -3.59 14.94
CA SER A 124 -22.82 -4.89 15.09
C SER A 124 -24.33 -4.76 14.98
N THR A 125 -24.87 -3.69 15.55
CA THR A 125 -26.31 -3.49 15.64
C THR A 125 -26.92 -3.00 14.33
N ILE A 126 -27.98 -3.66 13.88
CA ILE A 126 -28.68 -3.26 12.67
C ILE A 126 -29.62 -2.10 12.96
N GLU A 127 -30.10 -2.01 14.20
CA GLU A 127 -31.01 -0.96 14.61
C GLU A 127 -30.34 0.41 14.54
N GLU A 128 -29.03 0.43 14.80
CA GLU A 128 -28.24 1.65 14.70
C GLU A 128 -27.76 1.86 13.27
N ASP A 129 -28.15 2.99 12.67
CA ASP A 129 -27.74 3.30 11.31
C ASP A 129 -26.96 4.62 11.27
N VAL A 130 -25.90 4.68 12.08
CA VAL A 130 -25.06 5.87 12.14
C VAL A 130 -24.15 5.99 10.93
N THR A 131 -24.18 7.16 10.29
CA THR A 131 -23.29 7.43 9.17
C THR A 131 -22.34 8.58 9.51
N VAL A 132 -21.09 8.47 9.06
CA VAL A 132 -20.12 9.53 9.29
C VAL A 132 -19.43 9.89 7.98
N GLU A 133 -18.64 10.96 8.00
CA GLU A 133 -17.91 11.38 6.82
C GLU A 133 -16.42 11.41 7.09
N TYR A 134 -15.62 11.29 6.04
N TYR A 134 -15.63 11.31 6.01
CA TYR A 134 -14.18 11.41 6.21
CA TYR A 134 -14.18 11.08 6.06
C TYR A 134 -13.56 12.04 4.98
C TYR A 134 -13.51 11.80 4.88
N GLY A 135 -12.27 12.27 5.07
CA GLY A 135 -11.52 12.85 3.98
C GLY A 135 -10.40 11.91 3.59
N ALA A 136 -10.37 11.50 2.32
CA ALA A 136 -9.31 10.63 1.83
C ALA A 136 -8.90 11.03 0.41
N ASP A 137 -7.71 11.60 0.28
CA ASP A 137 -7.24 12.12 -1.00
C ASP A 137 -5.72 12.27 -1.06
N ILE A 138 -5.18 12.15 -2.26
CA ILE A 138 -3.76 12.41 -2.50
C ILE A 138 -3.53 13.92 -2.53
N ALA A 139 -2.41 14.38 -1.97
CA ALA A 139 -2.07 15.79 -2.02
C ALA A 139 -1.93 16.25 -3.47
N SER A 140 -2.45 17.45 -3.76
CA SER A 140 -2.52 17.94 -5.12
C SER A 140 -2.48 19.46 -5.16
N LYS A 141 -1.94 20.06 -4.10
CA LYS A 141 -1.95 21.51 -3.92
C LYS A 141 -3.38 22.04 -3.91
N GLU A 142 -4.33 21.18 -3.55
CA GLU A 142 -5.72 21.59 -3.51
C GLU A 142 -6.15 22.18 -2.15
N PHE A 143 -5.72 21.71 -0.97
CA PHE A 143 -5.11 20.43 -0.55
C PHE A 143 -3.70 20.04 -0.97
N GLY A 144 -2.76 20.19 -0.03
CA GLY A 144 -1.39 19.70 -0.18
C GLY A 144 -0.92 19.00 1.08
N SER A 145 0.32 18.52 1.05
CA SER A 145 0.89 17.76 2.17
C SER A 145 0.92 18.53 3.49
N GLY A 146 0.90 17.81 4.59
CA GLY A 146 0.96 18.40 5.92
C GLY A 146 2.38 18.69 6.35
N PHE A 147 3.33 18.00 5.71
CA PHE A 147 4.75 18.25 5.94
C PHE A 147 5.20 19.46 5.12
N PRO A 148 6.31 20.10 5.53
CA PRO A 148 6.81 21.24 4.75
C PRO A 148 7.50 20.80 3.45
N VAL A 149 7.28 21.56 2.38
CA VAL A 149 7.89 21.26 1.09
C VAL A 149 8.63 22.48 0.54
N ARG A 150 9.47 22.24 -0.48
CA ARG A 150 10.41 23.26 -0.96
C ARG A 150 9.76 24.38 -1.77
N ASP A 151 10.46 25.51 -1.82
CA ASP A 151 10.11 26.71 -2.59
C ASP A 151 8.99 27.53 -1.94
N GLY A 152 9.29 28.80 -1.65
CA GLY A 152 8.34 29.71 -1.03
C GLY A 152 9.05 30.80 -0.26
N LYS A 153 9.37 30.50 1.00
CA LYS A 153 10.03 31.46 1.89
C LYS A 153 11.40 31.90 1.35
N LYS A 155 17.81 32.89 4.45
CA LYS A 155 16.45 32.60 4.01
C LYS A 155 15.72 31.71 5.03
N LEU A 156 16.05 30.43 5.03
CA LEU A 156 15.42 29.47 5.93
C LEU A 156 16.33 29.08 7.09
N SER A 157 15.72 28.69 8.21
CA SER A 157 16.46 28.37 9.43
C SER A 157 16.83 26.88 9.51
N PRO A 158 17.89 26.55 10.27
CA PRO A 158 18.37 25.18 10.45
C PRO A 158 17.29 24.17 10.84
N GLU A 159 16.46 24.51 11.82
CA GLU A 159 15.39 23.62 12.26
C GLU A 159 14.33 23.45 11.17
N GLU A 160 13.91 24.57 10.59
CA GLU A 160 12.98 24.57 9.47
C GLU A 160 13.45 23.67 8.35
N GLU A 161 14.67 23.94 7.88
CA GLU A 161 15.23 23.23 6.73
C GLU A 161 15.47 21.75 7.01
N GLU A 162 15.64 21.39 8.27
CA GLU A 162 15.85 19.99 8.65
C GLU A 162 14.63 19.15 8.32
N TYR A 163 13.45 19.65 8.68
CA TYR A 163 12.20 18.94 8.45
C TYR A 163 11.89 18.81 6.97
N LEU A 164 12.55 19.62 6.15
CA LEU A 164 12.40 19.55 4.70
C LEU A 164 13.17 18.37 4.12
N ASP A 165 14.30 18.05 4.74
CA ASP A 165 15.19 17.02 4.23
C ASP A 165 15.13 15.74 5.04
N SER A 166 14.37 15.76 6.13
CA SER A 166 14.26 14.61 7.02
C SER A 166 13.74 13.38 6.28
N GLY A 167 14.25 12.21 6.67
CA GLY A 167 13.79 10.96 6.10
C GLY A 167 12.35 10.70 6.46
N TRP A 168 11.96 11.12 7.67
CA TRP A 168 10.62 10.86 8.17
C TRP A 168 9.60 11.86 7.64
N ASN A 169 10.05 12.83 6.86
CA ASN A 169 9.15 13.64 6.06
C ASN A 169 8.62 12.76 4.94
N LEU A 170 7.31 12.50 4.94
CA LEU A 170 6.75 11.50 4.05
C LEU A 170 6.71 11.94 2.59
N ASN A 171 7.03 13.20 2.33
CA ASN A 171 7.21 13.67 0.96
C ASN A 171 8.53 13.14 0.39
N ASN A 172 9.50 12.94 1.29
CA ASN A 172 10.86 12.56 0.89
C ASN A 172 11.06 11.05 0.73
N MET A 173 10.51 10.29 1.68
CA MET A 173 10.71 8.84 1.74
C MET A 173 10.41 8.08 0.43
N PRO A 174 9.36 8.48 -0.33
CA PRO A 174 9.20 7.80 -1.63
C PRO A 174 10.40 7.97 -2.56
N VAL A 175 10.85 9.20 -2.78
CA VAL A 175 11.92 9.47 -3.73
C VAL A 175 13.31 9.20 -3.16
N MET A 176 13.36 8.58 -1.98
CA MET A 176 14.64 8.27 -1.36
C MET A 176 15.31 7.06 -1.98
N GLU A 177 16.57 6.86 -1.58
CA GLU A 177 17.47 5.88 -2.19
C GLU A 177 17.08 4.40 -2.00
N GLN A 178 16.64 4.00 -0.82
CA GLN A 178 16.29 2.58 -0.66
C GLN A 178 14.83 2.25 -0.95
N SER A 179 14.02 3.26 -1.26
CA SER A 179 12.67 2.95 -1.69
C SER A 179 12.76 2.58 -3.16
N VAL A 180 12.69 1.28 -3.46
CA VAL A 180 12.86 0.80 -4.83
C VAL A 180 11.75 1.33 -5.74
N LEU A 181 10.70 1.88 -5.14
CA LEU A 181 9.60 2.50 -5.89
C LEU A 181 10.02 3.81 -6.54
N ALA A 182 11.09 4.43 -6.02
CA ALA A 182 11.54 5.71 -6.53
C ALA A 182 12.15 5.59 -7.91
N HIS A 183 12.78 4.45 -8.18
CA HIS A 183 13.41 4.22 -9.47
C HIS A 183 12.37 4.00 -10.56
N ILE A 184 11.16 3.62 -10.16
CA ILE A 184 10.06 3.43 -11.10
C ILE A 184 9.73 4.72 -11.83
N THR A 185 9.70 4.66 -13.16
CA THR A 185 9.45 5.83 -13.98
C THR A 185 8.02 5.86 -14.49
N ALA A 186 7.32 4.73 -14.36
CA ALA A 186 5.92 4.66 -14.77
C ALA A 186 5.03 5.45 -13.83
N ASP A 187 3.87 5.86 -14.31
CA ASP A 187 2.92 6.59 -13.49
C ASP A 187 2.29 5.62 -12.51
N ILE A 188 2.63 5.78 -11.23
CA ILE A 188 1.99 5.04 -10.15
C ILE A 188 1.67 6.00 -9.01
N CYS A 189 1.01 7.11 -9.36
CA CYS A 189 0.73 8.22 -8.43
C CYS A 189 0.08 7.77 -7.13
N GLY A 190 -0.79 6.77 -7.20
CA GLY A 190 -1.47 6.26 -6.03
C GLY A 190 -0.55 5.55 -5.05
N MET A 191 0.60 5.11 -5.55
CA MET A 191 1.54 4.32 -4.75
C MET A 191 2.84 5.06 -4.43
N LYS A 192 2.93 6.31 -4.83
CA LYS A 192 4.18 7.06 -4.67
C LYS A 192 3.98 8.38 -3.92
N LEU A 193 2.80 8.97 -4.09
CA LEU A 193 2.50 10.24 -3.42
C LEU A 193 1.74 9.99 -2.12
N PRO A 194 2.07 10.77 -1.07
CA PRO A 194 1.40 10.68 0.22
C PRO A 194 -0.13 10.85 0.14
N TRP A 195 -0.85 10.10 0.98
CA TRP A 195 -2.28 10.26 1.10
C TRP A 195 -2.62 11.08 2.34
N LEU A 196 -3.70 11.85 2.27
CA LEU A 196 -4.12 12.67 3.40
C LEU A 196 -5.47 12.21 3.93
N TYR A 197 -5.53 11.89 5.22
CA TYR A 197 -6.77 11.43 5.82
C TYR A 197 -7.28 12.39 6.89
N VAL A 198 -8.45 12.97 6.64
CA VAL A 198 -9.10 13.83 7.61
C VAL A 198 -10.23 13.08 8.28
N GLY A 199 -10.04 12.72 9.55
CA GLY A 199 -10.98 11.85 10.23
C GLY A 199 -11.91 12.54 11.22
N MET A 200 -12.95 11.82 11.59
CA MET A 200 -13.86 12.22 12.65
C MET A 200 -14.17 10.98 13.50
N CYS A 201 -14.93 11.16 14.56
CA CYS A 201 -15.28 10.05 15.45
C CYS A 201 -16.00 8.95 14.67
N PHE A 202 -15.49 7.73 14.81
CA PHE A 202 -16.05 6.50 14.22
C PHE A 202 -15.74 6.33 12.72
N SER A 203 -15.15 7.34 12.09
CA SER A 203 -14.72 7.19 10.70
C SER A 203 -13.63 6.12 10.66
N SER A 204 -13.74 5.19 9.71
CA SER A 204 -12.92 3.99 9.76
C SER A 204 -12.29 3.59 8.43
N PHE A 205 -11.28 2.74 8.51
CA PHE A 205 -10.73 2.10 7.32
C PHE A 205 -10.81 0.58 7.49
N CYS A 206 -11.30 -0.08 6.45
CA CYS A 206 -11.58 -1.51 6.49
C CYS A 206 -10.32 -2.36 6.43
N TRP A 207 -10.46 -3.64 6.73
CA TRP A 207 -9.35 -4.59 6.66
C TRP A 207 -8.80 -4.65 5.24
N HIS A 208 -7.49 -4.48 5.13
CA HIS A 208 -6.84 -4.49 3.83
C HIS A 208 -5.33 -4.61 3.97
N ILE A 209 -4.68 -4.98 2.88
CA ILE A 209 -3.23 -4.91 2.76
C ILE A 209 -2.88 -3.98 1.62
N GLU A 210 -1.64 -3.53 1.57
CA GLU A 210 -1.23 -2.56 0.56
C GLU A 210 -1.01 -3.23 -0.80
N ASP A 211 -1.06 -2.43 -1.86
CA ASP A 211 -0.79 -2.94 -3.20
C ASP A 211 0.64 -3.47 -3.28
N HIS A 212 0.80 -4.62 -3.93
CA HIS A 212 2.09 -5.29 -4.07
C HIS A 212 2.74 -5.59 -2.72
N TRP A 213 1.90 -5.73 -1.70
CA TRP A 213 2.33 -6.06 -0.34
C TRP A 213 3.43 -5.14 0.16
N SER A 214 3.30 -3.86 -0.15
CA SER A 214 4.30 -2.88 0.26
C SER A 214 4.16 -2.51 1.73
N TYR A 215 5.22 -1.92 2.29
CA TYR A 215 5.13 -1.26 3.57
C TYR A 215 4.21 -0.06 3.48
N SER A 216 3.80 0.46 4.62
CA SER A 216 3.20 1.78 4.68
C SER A 216 3.64 2.43 5.98
N ILE A 217 3.82 3.75 5.93
CA ILE A 217 4.15 4.50 7.13
C ILE A 217 3.13 5.62 7.28
N ASN A 218 2.58 5.76 8.48
CA ASN A 218 1.49 6.69 8.72
C ASN A 218 1.83 7.65 9.84
N TYR A 219 1.58 8.94 9.61
CA TYR A 219 1.86 9.96 10.61
C TYR A 219 0.60 10.75 10.94
N LEU A 220 0.30 10.84 12.23
CA LEU A 220 -0.83 11.64 12.68
C LEU A 220 -0.33 13.03 13.05
N HIS A 221 -0.63 14.02 12.20
CA HIS A 221 -0.14 15.37 12.40
C HIS A 221 -0.72 16.01 13.67
N TRP A 222 -2.04 15.92 13.83
CA TRP A 222 -2.70 16.47 15.01
C TRP A 222 -4.10 15.90 15.17
N GLY A 223 -4.72 16.18 16.31
CA GLY A 223 -6.08 15.77 16.57
C GLY A 223 -6.17 14.59 17.52
N GLU A 224 -7.37 14.02 17.60
CA GLU A 224 -7.62 12.91 18.51
C GLU A 224 -7.05 11.62 17.94
N PRO A 225 -6.75 10.64 18.81
CA PRO A 225 -6.04 9.41 18.40
C PRO A 225 -6.69 8.63 17.27
N LYS A 226 -5.87 7.83 16.60
CA LYS A 226 -6.32 6.89 15.58
C LYS A 226 -6.12 5.49 16.12
N THR A 227 -7.20 4.72 16.22
CA THR A 227 -7.13 3.37 16.77
C THR A 227 -6.85 2.36 15.66
N TRP A 228 -5.81 1.55 15.86
CA TRP A 228 -5.36 0.59 14.85
C TRP A 228 -5.59 -0.85 15.28
N TYR A 229 -5.83 -1.71 14.30
CA TYR A 229 -5.77 -3.15 14.51
C TYR A 229 -4.88 -3.76 13.43
N GLY A 230 -4.02 -4.69 13.82
CA GLY A 230 -3.04 -5.24 12.90
C GLY A 230 -2.87 -6.74 13.00
N VAL A 231 -2.58 -7.36 11.85
CA VAL A 231 -2.33 -8.79 11.77
C VAL A 231 -1.01 -9.02 11.03
N PRO A 232 -0.11 -9.84 11.61
CA PRO A 232 1.18 -10.11 10.98
C PRO A 232 1.04 -10.79 9.61
N GLY A 233 2.01 -10.54 8.74
CA GLY A 233 1.97 -11.04 7.37
C GLY A 233 1.85 -12.54 7.25
N TYR A 234 2.39 -13.28 8.21
CA TYR A 234 2.39 -14.74 8.12
C TYR A 234 0.98 -15.31 8.33
N ALA A 235 0.11 -14.52 8.96
CA ALA A 235 -1.25 -14.97 9.24
C ALA A 235 -2.27 -14.38 8.27
N ALA A 236 -1.78 -13.91 7.13
CA ALA A 236 -2.63 -13.23 6.15
C ALA A 236 -3.72 -14.14 5.57
N GLU A 237 -3.32 -15.32 5.12
CA GLU A 237 -4.27 -16.24 4.51
C GLU A 237 -5.17 -16.86 5.57
N GLN A 238 -4.71 -16.88 6.81
CA GLN A 238 -5.55 -17.25 7.94
C GLN A 238 -6.75 -16.32 8.01
N LEU A 239 -6.48 -15.02 8.02
CA LEU A 239 -7.51 -14.00 8.08
C LEU A 239 -8.45 -14.09 6.89
N GLU A 240 -7.88 -14.27 5.71
CA GLU A 240 -8.64 -14.34 4.47
C GLU A 240 -9.60 -15.54 4.49
N ASN A 241 -9.13 -16.67 4.99
CA ASN A 241 -9.97 -17.85 5.15
C ASN A 241 -11.12 -17.60 6.09
N VAL A 242 -10.83 -16.94 7.21
CA VAL A 242 -11.85 -16.59 8.19
C VAL A 242 -12.93 -15.71 7.59
N MET A 243 -12.50 -14.69 6.84
CA MET A 243 -13.42 -13.71 6.28
C MET A 243 -14.27 -14.26 5.15
N LYS A 244 -13.72 -15.20 4.39
CA LYS A 244 -14.44 -15.77 3.25
C LYS A 244 -15.64 -16.59 3.71
N LYS A 245 -15.53 -17.20 4.89
CA LYS A 245 -16.60 -18.03 5.42
C LYS A 245 -17.70 -17.18 6.06
N LEU A 246 -17.37 -15.94 6.42
CA LEU A 246 -18.32 -15.05 7.07
C LEU A 246 -18.93 -14.04 6.10
N ALA A 247 -18.20 -13.76 5.01
CA ALA A 247 -18.67 -12.81 4.01
C ALA A 247 -18.11 -13.15 2.64
N PRO A 248 -18.66 -14.19 1.99
CA PRO A 248 -18.18 -14.67 0.69
C PRO A 248 -18.33 -13.66 -0.43
N GLU A 249 -19.30 -12.75 -0.30
CA GLU A 249 -19.60 -11.77 -1.35
C GLU A 249 -18.48 -10.77 -1.56
N LEU A 250 -17.51 -10.74 -0.65
CA LEU A 250 -16.37 -9.84 -0.77
C LEU A 250 -15.29 -10.45 -1.65
N PHE A 251 -15.43 -11.73 -1.94
CA PHE A 251 -14.38 -12.47 -2.63
C PHE A 251 -14.76 -12.83 -4.06
N VAL A 252 -15.94 -12.39 -4.50
CA VAL A 252 -16.26 -12.47 -5.92
C VAL A 252 -15.38 -11.45 -6.63
N SER A 253 -14.44 -11.97 -7.43
CA SER A 253 -13.35 -11.16 -7.99
C SER A 253 -13.83 -9.90 -8.69
N GLN A 254 -13.08 -8.82 -8.51
CA GLN A 254 -13.48 -7.51 -8.99
C GLN A 254 -13.16 -7.32 -10.47
N PRO A 255 -14.03 -6.57 -11.16
CA PRO A 255 -13.79 -6.19 -12.56
C PRO A 255 -12.53 -5.36 -12.73
N ASP A 256 -12.11 -4.67 -11.68
CA ASP A 256 -11.11 -3.62 -11.83
C ASP A 256 -10.47 -3.43 -10.44
N LEU A 257 -9.48 -2.54 -10.35
CA LEU A 257 -8.85 -2.24 -9.08
C LEU A 257 -9.72 -1.25 -8.32
N LEU A 258 -10.51 -0.50 -9.09
CA LEU A 258 -11.41 0.49 -8.52
C LEU A 258 -12.67 -0.12 -7.95
N HIS A 259 -12.80 -1.45 -8.06
CA HIS A 259 -13.99 -2.14 -7.59
C HIS A 259 -13.67 -3.14 -6.46
N GLN A 260 -12.53 -2.96 -5.81
CA GLN A 260 -12.11 -3.84 -4.73
C GLN A 260 -13.05 -3.75 -3.53
N LEU A 261 -13.50 -4.91 -3.04
CA LEU A 261 -14.43 -4.96 -1.92
C LEU A 261 -13.70 -5.18 -0.59
N VAL A 262 -13.99 -4.34 0.39
CA VAL A 262 -13.40 -4.45 1.73
C VAL A 262 -14.50 -4.31 2.78
N THR A 263 -14.18 -4.60 4.04
CA THR A 263 -15.19 -4.53 5.09
C THR A 263 -14.64 -4.32 6.50
N ILE A 264 -15.56 -3.94 7.40
CA ILE A 264 -15.27 -3.85 8.82
C ILE A 264 -15.57 -5.18 9.48
N MET A 265 -14.64 -5.66 10.31
CA MET A 265 -14.85 -6.90 11.04
C MET A 265 -14.20 -6.85 12.41
N ASN A 266 -14.96 -7.27 13.42
CA ASN A 266 -14.48 -7.27 14.80
C ASN A 266 -13.26 -8.17 14.98
N PRO A 267 -12.18 -7.61 15.54
CA PRO A 267 -10.96 -8.38 15.80
C PRO A 267 -11.19 -9.55 16.74
N ASN A 268 -12.16 -9.45 17.64
CA ASN A 268 -12.52 -10.56 18.51
C ASN A 268 -12.95 -11.77 17.70
N THR A 269 -13.64 -11.53 16.59
CA THR A 269 -14.06 -12.59 15.68
C THR A 269 -12.82 -13.29 15.09
N LEU A 270 -11.80 -12.49 14.79
CA LEU A 270 -10.54 -13.04 14.29
C LEU A 270 -9.82 -13.81 15.38
N MET A 271 -9.76 -13.22 16.58
CA MET A 271 -9.09 -13.85 17.72
C MET A 271 -9.74 -15.16 18.11
N THR A 272 -11.06 -15.24 17.94
CA THR A 272 -11.81 -16.46 18.21
C THR A 272 -11.33 -17.59 17.31
N HIS A 273 -10.97 -17.26 16.08
CA HIS A 273 -10.49 -18.25 15.13
C HIS A 273 -8.96 -18.32 15.10
N GLU A 274 -8.34 -17.94 16.22
CA GLU A 274 -6.90 -18.10 16.44
C GLU A 274 -6.04 -17.32 15.44
N VAL A 275 -6.54 -16.18 14.98
CA VAL A 275 -5.74 -15.26 14.19
C VAL A 275 -5.16 -14.19 15.09
N PRO A 276 -3.82 -14.04 15.11
CA PRO A 276 -3.17 -13.06 15.98
C PRO A 276 -3.49 -11.62 15.57
N VAL A 277 -4.18 -10.90 16.45
CA VAL A 277 -4.51 -9.50 16.21
C VAL A 277 -3.89 -8.61 17.28
N TYR A 278 -3.37 -7.46 16.86
CA TYR A 278 -2.80 -6.50 17.80
C TYR A 278 -3.43 -5.13 17.60
N ARG A 279 -3.36 -4.29 18.63
CA ARG A 279 -3.98 -2.97 18.57
C ARG A 279 -3.02 -1.89 19.03
N THR A 280 -3.38 -0.64 18.74
CA THR A 280 -2.69 0.51 19.29
C THR A 280 -3.52 1.76 19.13
N ASN A 281 -3.29 2.73 20.01
CA ASN A 281 -3.84 4.07 19.85
C ASN A 281 -2.75 5.01 19.39
N GLN A 282 -2.82 5.42 18.14
CA GLN A 282 -1.82 6.33 17.59
C GLN A 282 -2.20 7.77 17.94
N CYS A 283 -1.33 8.43 18.69
CA CYS A 283 -1.58 9.82 19.06
C CYS A 283 -0.84 10.78 18.15
N ALA A 284 -1.14 12.07 18.28
CA ALA A 284 -0.54 13.09 17.44
C ALA A 284 0.97 13.10 17.60
N GLY A 285 1.68 13.13 16.47
CA GLY A 285 3.13 13.16 16.49
C GLY A 285 3.76 11.78 16.58
N GLU A 286 2.97 10.75 16.31
CA GLU A 286 3.46 9.39 16.35
C GLU A 286 3.31 8.70 14.99
N PHE A 287 4.23 7.78 14.69
CA PHE A 287 4.19 7.02 13.46
C PHE A 287 3.63 5.62 13.69
N VAL A 288 2.88 5.13 12.70
CA VAL A 288 2.50 3.72 12.65
C VAL A 288 3.05 3.12 11.36
N ILE A 289 3.77 2.01 11.48
CA ILE A 289 4.34 1.34 10.33
C ILE A 289 3.67 -0.02 10.11
N THR A 290 3.16 -0.24 8.91
CA THR A 290 2.62 -1.54 8.54
C THR A 290 3.63 -2.28 7.66
N PHE A 291 3.75 -3.59 7.87
CA PHE A 291 4.73 -4.40 7.17
C PHE A 291 4.06 -5.19 6.03
N PRO A 292 4.87 -5.77 5.12
CA PRO A 292 4.30 -6.46 3.95
C PRO A 292 3.24 -7.52 4.26
N ARG A 293 2.12 -7.46 3.54
N ARG A 293 2.14 -7.47 3.51
CA ARG A 293 1.07 -8.47 3.65
CA ARG A 293 1.01 -8.40 3.62
C ARG A 293 0.46 -8.46 5.06
C ARG A 293 0.39 -8.41 5.02
N ALA A 294 0.69 -7.38 5.80
CA ALA A 294 0.10 -7.26 7.13
C ALA A 294 -1.26 -6.57 7.06
N TYR A 295 -2.32 -7.34 7.32
CA TYR A 295 -3.67 -6.79 7.31
C TYR A 295 -3.86 -5.79 8.44
N HIS A 296 -4.50 -4.67 8.12
CA HIS A 296 -4.79 -3.68 9.15
C HIS A 296 -6.14 -3.00 8.90
N SER A 297 -6.72 -2.50 9.99
CA SER A 297 -7.95 -1.72 9.94
C SER A 297 -7.98 -0.84 11.18
N GLY A 298 -8.99 0.02 11.26
CA GLY A 298 -9.11 0.88 12.42
C GLY A 298 -10.12 2.00 12.25
N PHE A 299 -10.17 2.89 13.23
CA PHE A 299 -11.10 4.01 13.20
C PHE A 299 -10.50 5.20 13.94
N ASN A 300 -11.11 6.36 13.76
CA ASN A 300 -10.63 7.57 14.41
C ASN A 300 -11.44 7.89 15.66
N GLN A 301 -10.73 8.29 16.72
CA GLN A 301 -11.37 8.65 17.97
C GLN A 301 -12.09 9.99 17.86
N GLY A 302 -11.62 10.83 16.94
CA GLY A 302 -12.20 12.14 16.77
C GLY A 302 -11.65 12.89 15.57
N PHE A 303 -11.80 14.21 15.60
CA PHE A 303 -11.27 15.08 14.56
C PHE A 303 -9.75 14.97 14.54
N ASN A 304 -9.19 14.54 13.42
CA ASN A 304 -7.74 14.46 13.29
C ASN A 304 -7.26 14.57 11.85
N PHE A 305 -5.95 14.62 11.68
CA PHE A 305 -5.34 14.79 10.37
C PHE A 305 -4.12 13.88 10.23
N ALA A 306 -4.19 12.95 9.30
CA ALA A 306 -3.09 11.99 9.12
C ALA A 306 -2.54 12.03 7.71
N GLU A 307 -1.29 11.61 7.57
CA GLU A 307 -0.64 11.54 6.28
C GLU A 307 0.09 10.20 6.17
N ALA A 308 -0.02 9.56 5.01
CA ALA A 308 0.52 8.21 4.84
C ALA A 308 1.07 7.99 3.44
N VAL A 309 2.08 7.12 3.35
CA VAL A 309 2.66 6.78 2.06
C VAL A 309 3.15 5.32 2.07
N ASN A 310 3.07 4.67 0.92
CA ASN A 310 3.64 3.34 0.74
C ASN A 310 5.12 3.43 0.42
N PHE A 311 5.88 2.38 0.74
CA PHE A 311 7.26 2.30 0.33
C PHE A 311 7.74 0.86 0.29
N CYS A 312 8.88 0.63 -0.34
CA CYS A 312 9.41 -0.72 -0.51
C CYS A 312 10.91 -0.78 -0.27
N THR A 313 11.31 -1.53 0.74
CA THR A 313 12.73 -1.75 1.03
C THR A 313 13.25 -2.91 0.18
N VAL A 314 14.56 -3.12 0.21
CA VAL A 314 15.16 -4.25 -0.50
C VAL A 314 14.77 -5.57 0.15
N ASP A 315 14.35 -5.50 1.40
CA ASP A 315 13.84 -6.67 2.12
C ASP A 315 12.55 -7.18 1.48
N TRP A 316 11.87 -6.29 0.78
CA TRP A 316 10.55 -6.55 0.23
C TRP A 316 10.56 -7.20 -1.15
N LEU A 317 11.67 -7.04 -1.88
CA LEU A 317 11.79 -7.52 -3.26
C LEU A 317 11.31 -8.95 -3.50
N PRO A 318 11.72 -9.92 -2.65
CA PRO A 318 11.18 -11.28 -2.90
C PRO A 318 9.68 -11.37 -2.68
N LEU A 319 9.17 -10.64 -1.69
CA LEU A 319 7.74 -10.61 -1.41
C LEU A 319 6.98 -9.94 -2.55
N GLY A 320 7.60 -8.93 -3.15
CA GLY A 320 7.01 -8.24 -4.29
C GLY A 320 6.80 -9.17 -5.45
N ARG A 321 7.78 -10.03 -5.70
CA ARG A 321 7.68 -11.04 -6.75
C ARG A 321 6.59 -12.06 -6.42
N GLN A 322 6.54 -12.47 -5.15
CA GLN A 322 5.53 -13.41 -4.69
C GLN A 322 4.13 -12.85 -4.84
N CYS A 323 3.98 -11.55 -4.63
CA CYS A 323 2.69 -10.91 -4.70
C CYS A 323 2.15 -10.89 -6.13
N VAL A 324 3.02 -10.59 -7.08
CA VAL A 324 2.66 -10.56 -8.50
C VAL A 324 2.21 -11.95 -8.95
N GLU A 325 2.89 -12.97 -8.44
CA GLU A 325 2.50 -14.35 -8.70
C GLU A 325 1.12 -14.63 -8.11
N HIS A 326 0.90 -14.12 -6.90
CA HIS A 326 -0.37 -14.30 -6.21
C HIS A 326 -1.50 -13.59 -6.95
N TYR A 327 -1.23 -12.37 -7.42
CA TYR A 327 -2.19 -11.63 -8.23
C TYR A 327 -2.60 -12.42 -9.47
N ARG A 328 -1.62 -13.11 -10.06
CA ARG A 328 -1.83 -13.90 -11.27
CA ARG A 328 -1.85 -13.88 -11.27
C ARG A 328 -2.83 -15.03 -11.01
N LEU A 329 -2.68 -15.69 -9.87
CA LEU A 329 -3.57 -16.78 -9.50
C LEU A 329 -4.96 -16.27 -9.18
N LEU A 330 -5.05 -14.99 -8.82
CA LEU A 330 -6.33 -14.37 -8.45
C LEU A 330 -6.95 -13.60 -9.61
N HIS A 331 -6.20 -13.49 -10.71
CA HIS A 331 -6.60 -12.66 -11.85
C HIS A 331 -6.82 -11.21 -11.43
N ARG A 332 -6.01 -10.75 -10.49
CA ARG A 332 -6.07 -9.36 -10.03
C ARG A 332 -5.12 -8.48 -10.85
N TYR A 333 -5.52 -7.24 -11.07
CA TYR A 333 -4.71 -6.29 -11.81
C TYR A 333 -3.48 -5.86 -11.00
N CYS A 334 -2.39 -5.56 -11.70
CA CYS A 334 -1.18 -5.04 -11.06
C CYS A 334 -1.15 -3.53 -11.17
N VAL A 335 -0.53 -2.88 -10.20
CA VAL A 335 -0.33 -1.44 -10.25
C VAL A 335 0.84 -1.15 -11.19
N PHE A 336 1.84 -2.01 -11.14
CA PHE A 336 3.01 -1.90 -12.00
C PHE A 336 3.63 -3.27 -12.25
N SER A 337 4.46 -3.37 -13.29
CA SER A 337 5.22 -4.58 -13.56
C SER A 337 6.43 -4.67 -12.63
N HIS A 338 6.50 -5.75 -11.88
CA HIS A 338 7.63 -5.99 -10.98
C HIS A 338 8.92 -6.19 -11.77
N ASP A 339 8.82 -6.95 -12.86
CA ASP A 339 9.98 -7.25 -13.69
C ASP A 339 10.54 -6.00 -14.36
N GLU A 340 9.64 -5.12 -14.80
CA GLU A 340 10.07 -3.88 -15.45
C GLU A 340 10.87 -3.01 -14.48
N MET A 341 10.48 -3.05 -13.21
CA MET A 341 11.19 -2.31 -12.16
C MET A 341 12.59 -2.88 -11.98
N ILE A 342 12.68 -4.21 -11.90
CA ILE A 342 13.96 -4.89 -11.74
C ILE A 342 14.92 -4.55 -12.87
N CYS A 343 14.43 -4.62 -14.11
CA CYS A 343 15.26 -4.35 -15.28
C CYS A 343 15.66 -2.88 -15.36
N LYS A 344 14.81 -2.01 -14.83
CA LYS A 344 15.10 -0.59 -14.81
C LYS A 344 16.28 -0.33 -13.88
N MET A 345 16.24 -0.95 -12.70
CA MET A 345 17.31 -0.80 -11.73
C MET A 345 18.61 -1.43 -12.23
N ALA A 346 18.49 -2.56 -12.92
CA ALA A 346 19.65 -3.25 -13.48
C ALA A 346 20.34 -2.37 -14.51
N SER A 347 19.56 -1.60 -15.25
CA SER A 347 20.10 -0.70 -16.26
C SER A 347 20.73 0.54 -15.63
N LYS A 348 20.43 0.77 -14.36
CA LYS A 348 21.03 1.86 -13.61
C LYS A 348 22.01 1.32 -12.56
N ALA A 349 22.67 0.21 -12.90
CA ALA A 349 23.50 -0.51 -11.94
C ALA A 349 24.64 0.32 -11.39
N ASP A 350 25.25 1.15 -12.23
CA ASP A 350 26.43 1.92 -11.84
C ASP A 350 26.14 2.98 -10.79
N VAL A 351 24.88 3.34 -10.62
CA VAL A 351 24.51 4.38 -9.67
C VAL A 351 23.62 3.87 -8.54
N LEU A 352 23.51 2.55 -8.42
CA LEU A 352 22.74 1.95 -7.34
C LEU A 352 23.56 1.83 -6.07
N ASP A 353 22.89 1.82 -4.92
CA ASP A 353 23.53 1.45 -3.67
C ASP A 353 23.99 0.01 -3.79
N VAL A 354 25.10 -0.33 -3.14
CA VAL A 354 25.74 -1.62 -3.34
C VAL A 354 24.99 -2.79 -2.69
N VAL A 355 24.27 -2.50 -1.61
CA VAL A 355 23.44 -3.53 -0.96
C VAL A 355 22.19 -3.72 -1.79
N VAL A 356 21.68 -2.63 -2.34
CA VAL A 356 20.54 -2.67 -3.25
C VAL A 356 20.88 -3.46 -4.50
N ALA A 357 22.04 -3.17 -5.08
CA ALA A 357 22.50 -3.87 -6.28
C ALA A 357 22.65 -5.37 -6.02
N SER A 358 23.10 -5.71 -4.82
CA SER A 358 23.24 -7.10 -4.41
C SER A 358 21.89 -7.79 -4.37
N THR A 359 20.88 -7.11 -3.82
CA THR A 359 19.56 -7.68 -3.66
C THR A 359 18.81 -7.78 -4.99
N VAL A 360 18.97 -6.78 -5.84
CA VAL A 360 18.35 -6.78 -7.16
C VAL A 360 18.91 -7.92 -8.01
N GLN A 361 20.21 -8.16 -7.90
CA GLN A 361 20.87 -9.24 -8.61
C GLN A 361 20.22 -10.59 -8.28
N LYS A 362 19.96 -10.81 -7.00
CA LYS A 362 19.37 -12.07 -6.53
C LYS A 362 17.98 -12.29 -7.11
N ASP A 363 17.16 -11.23 -7.14
CA ASP A 363 15.82 -11.33 -7.68
C ASP A 363 15.85 -11.47 -9.19
N MET A 364 16.82 -10.81 -9.82
CA MET A 364 16.96 -10.90 -11.27
C MET A 364 17.37 -12.30 -11.70
N ALA A 365 18.17 -12.95 -10.87
CA ALA A 365 18.61 -14.32 -11.14
C ALA A 365 17.42 -15.27 -11.19
N ILE A 366 16.48 -15.07 -10.27
CA ILE A 366 15.25 -15.85 -10.24
C ILE A 366 14.40 -15.55 -11.46
N MET A 367 14.28 -14.26 -11.80
CA MET A 367 13.51 -13.82 -12.95
C MET A 367 14.00 -14.46 -14.25
N ILE A 368 15.31 -14.46 -14.44
CA ILE A 368 15.91 -14.99 -15.66
C ILE A 368 15.68 -16.49 -15.80
N GLU A 369 15.89 -17.22 -14.70
CA GLU A 369 15.69 -18.67 -14.71
C GLU A 369 14.24 -19.04 -14.97
N ASP A 370 13.31 -18.30 -14.36
CA ASP A 370 11.89 -18.53 -14.59
C ASP A 370 11.52 -18.23 -16.04
N GLU A 371 12.10 -17.16 -16.58
CA GLU A 371 11.83 -16.75 -17.95
C GLU A 371 12.37 -17.76 -18.95
N LYS A 372 13.55 -18.31 -18.65
CA LYS A 372 14.17 -19.31 -19.50
C LYS A 372 13.31 -20.57 -19.60
N ALA A 373 12.75 -20.99 -18.47
CA ALA A 373 11.89 -22.17 -18.42
C ALA A 373 10.59 -21.94 -19.18
N LEU A 374 10.00 -20.75 -18.99
CA LEU A 374 8.75 -20.42 -19.65
C LEU A 374 8.89 -20.39 -21.17
N ARG A 375 9.99 -19.82 -21.66
CA ARG A 375 10.22 -19.74 -23.08
C ARG A 375 10.51 -21.10 -23.70
N GLU A 376 11.13 -21.98 -22.92
CA GLU A 376 11.36 -23.35 -23.36
C GLU A 376 10.03 -24.08 -23.51
N THR A 377 9.10 -23.78 -22.61
CA THR A 377 7.79 -24.43 -22.62
C THR A 377 6.94 -24.00 -23.82
N VAL A 378 6.91 -22.69 -24.09
CA VAL A 378 6.08 -22.20 -25.19
C VAL A 378 6.68 -22.57 -26.54
N ARG A 379 7.99 -22.78 -26.59
CA ARG A 379 8.63 -23.25 -27.81
C ARG A 379 8.21 -24.69 -28.11
N LYS A 380 8.09 -25.48 -27.06
CA LYS A 380 7.67 -26.87 -27.20
C LYS A 380 6.18 -26.98 -27.54
N LEU A 381 5.46 -25.88 -27.38
CA LEU A 381 4.05 -25.83 -27.72
C LEU A 381 3.85 -25.55 -29.21
N GLY A 382 4.92 -25.10 -29.87
CA GLY A 382 4.87 -24.88 -31.30
C GLY A 382 4.99 -23.43 -31.71
N VAL A 383 5.20 -22.55 -30.73
CA VAL A 383 5.42 -21.14 -31.03
C VAL A 383 6.84 -20.94 -31.54
N ILE A 384 6.96 -20.52 -32.78
CA ILE A 384 8.27 -20.46 -33.43
C ILE A 384 8.67 -19.03 -33.76
N ASP A 385 7.74 -18.24 -34.28
CA ASP A 385 8.03 -16.86 -34.65
C ASP A 385 8.20 -15.99 -33.41
N SER A 386 9.09 -15.02 -33.48
CA SER A 386 9.32 -14.11 -32.36
C SER A 386 9.78 -12.74 -32.83
N GLU A 387 9.54 -11.72 -32.01
CA GLU A 387 9.94 -10.36 -32.34
C GLU A 387 10.12 -9.55 -31.06
N ARG A 388 11.20 -8.79 -30.99
CA ARG A 388 11.45 -7.92 -29.84
C ARG A 388 10.34 -6.89 -29.70
N MET A 389 10.01 -6.54 -28.47
CA MET A 389 8.96 -5.56 -28.22
C MET A 389 9.24 -4.76 -26.94
N ASP A 390 9.20 -3.44 -27.05
CA ASP A 390 9.41 -2.56 -25.91
C ASP A 390 8.11 -2.39 -25.12
N PHE A 391 7.84 -3.36 -24.24
CA PHE A 391 6.59 -3.38 -23.48
C PHE A 391 6.33 -2.12 -22.66
N GLU A 392 7.40 -1.48 -22.18
CA GLU A 392 7.25 -0.34 -21.28
C GLU A 392 6.63 0.87 -21.98
N LEU A 393 6.67 0.88 -23.31
CA LEU A 393 6.09 1.97 -24.09
C LEU A 393 4.56 1.90 -24.14
N LEU A 394 4.03 0.67 -24.07
CA LEU A 394 2.58 0.47 -24.07
C LEU A 394 1.93 0.93 -22.78
N PRO A 395 0.74 1.54 -22.88
CA PRO A 395 -0.07 1.81 -21.70
C PRO A 395 -0.43 0.48 -21.02
N ASP A 396 -0.65 0.50 -19.71
CA ASP A 396 -0.91 -0.71 -18.95
C ASP A 396 -2.07 -1.54 -19.49
N ASP A 397 -3.16 -0.85 -19.84
CA ASP A 397 -4.36 -1.52 -20.32
C ASP A 397 -4.16 -2.19 -21.68
N GLU A 398 -3.05 -1.86 -22.35
CA GLU A 398 -2.74 -2.45 -23.64
C GLU A 398 -1.76 -3.61 -23.54
N ARG A 399 -1.35 -3.95 -22.33
CA ARG A 399 -0.42 -5.07 -22.15
C ARG A 399 -0.72 -5.91 -20.92
N GLN A 400 -2.01 -6.11 -20.64
CA GLN A 400 -2.42 -7.04 -19.59
C GLN A 400 -2.84 -8.36 -20.22
N CYS A 401 -2.43 -9.46 -19.59
CA CYS A 401 -2.80 -10.78 -20.10
C CYS A 401 -4.32 -10.93 -20.13
N VAL A 402 -4.82 -11.41 -21.26
CA VAL A 402 -6.26 -11.60 -21.44
C VAL A 402 -6.85 -12.48 -20.33
N LYS A 403 -6.06 -13.47 -19.89
CA LYS A 403 -6.53 -14.41 -18.89
C LYS A 403 -6.37 -13.90 -17.45
N CYS A 404 -5.13 -13.70 -17.02
CA CYS A 404 -4.86 -13.43 -15.61
C CYS A 404 -4.64 -11.95 -15.28
N LYS A 405 -4.73 -11.10 -16.30
CA LYS A 405 -4.64 -9.64 -16.13
C LYS A 405 -3.27 -9.13 -15.68
N THR A 406 -2.26 -10.00 -15.66
CA THR A 406 -0.94 -9.58 -15.24
C THR A 406 -0.36 -8.59 -16.26
N THR A 407 0.42 -7.63 -15.77
CA THR A 407 1.07 -6.67 -16.66
C THR A 407 2.32 -7.31 -17.26
N CYS A 408 2.31 -7.48 -18.57
CA CYS A 408 3.43 -8.13 -19.25
C CYS A 408 4.61 -7.18 -19.41
N PHE A 409 5.82 -7.73 -19.32
CA PHE A 409 7.02 -6.96 -19.62
C PHE A 409 8.09 -7.83 -20.26
N MET A 410 8.43 -8.94 -19.62
CA MET A 410 9.47 -9.84 -20.12
C MET A 410 9.05 -10.48 -21.44
N SER A 411 7.81 -10.96 -21.50
CA SER A 411 7.34 -11.68 -22.67
C SER A 411 5.82 -11.79 -22.73
N ALA A 412 5.31 -12.03 -23.94
CA ALA A 412 3.89 -12.26 -24.15
C ALA A 412 3.68 -12.95 -25.50
N ILE A 413 2.53 -13.59 -25.66
CA ILE A 413 2.16 -14.21 -26.91
C ILE A 413 1.09 -13.39 -27.60
N SER A 414 1.26 -13.17 -28.89
CA SER A 414 0.26 -12.45 -29.68
C SER A 414 -0.04 -13.27 -30.91
N CYS A 415 -1.17 -12.99 -31.53
CA CYS A 415 -1.53 -13.60 -32.79
C CYS A 415 -2.32 -12.61 -33.62
N SER A 416 -2.03 -12.54 -34.91
CA SER A 416 -2.67 -11.55 -35.79
C SER A 416 -4.20 -11.67 -35.86
N CYS A 417 -4.76 -12.78 -35.37
CA CYS A 417 -6.21 -13.02 -35.40
C CYS A 417 -6.89 -11.98 -34.55
N LYS A 418 -6.23 -11.65 -33.44
CA LYS A 418 -6.78 -10.79 -32.41
C LYS A 418 -5.77 -9.70 -32.07
N PRO A 419 -5.72 -8.66 -32.92
CA PRO A 419 -4.82 -7.51 -32.81
C PRO A 419 -4.91 -6.78 -31.48
N GLY A 420 -3.76 -6.48 -30.88
CA GLY A 420 -3.70 -5.72 -29.65
C GLY A 420 -3.79 -6.58 -28.42
N LEU A 421 -4.22 -7.83 -28.58
CA LEU A 421 -4.41 -8.72 -27.44
C LEU A 421 -3.16 -9.53 -27.13
N LEU A 422 -2.92 -9.73 -25.84
CA LEU A 422 -1.75 -10.45 -25.37
C LEU A 422 -2.10 -11.43 -24.26
N VAL A 423 -1.38 -12.55 -24.21
CA VAL A 423 -1.42 -13.43 -23.05
C VAL A 423 0.01 -13.61 -22.55
N CYS A 424 0.17 -13.81 -21.25
CA CYS A 424 1.48 -14.12 -20.71
C CYS A 424 1.82 -15.56 -21.08
N LEU A 425 3.05 -15.97 -20.81
CA LEU A 425 3.51 -17.30 -21.23
C LEU A 425 2.88 -18.43 -20.42
N HIS A 426 2.15 -18.07 -19.37
CA HIS A 426 1.42 -19.06 -18.58
C HIS A 426 0.09 -19.42 -19.24
N HIS A 427 -0.38 -18.57 -20.14
CA HIS A 427 -1.70 -18.74 -20.71
C HIS A 427 -1.71 -18.68 -22.23
N VAL A 428 -0.73 -19.35 -22.83
CA VAL A 428 -0.60 -19.44 -24.27
C VAL A 428 -1.83 -20.08 -24.90
N LYS A 429 -2.46 -21.01 -24.19
CA LYS A 429 -3.62 -21.73 -24.70
C LYS A 429 -4.92 -20.94 -24.51
N GLU A 430 -4.80 -19.68 -24.12
CA GLU A 430 -5.97 -18.86 -23.80
C GLU A 430 -6.21 -17.69 -24.75
N LEU A 431 -5.40 -17.60 -25.80
CA LEU A 431 -5.47 -16.46 -26.71
C LEU A 431 -6.56 -16.64 -27.77
N CYS A 432 -6.54 -17.78 -28.46
CA CYS A 432 -7.48 -18.05 -29.53
C CYS A 432 -7.46 -19.53 -29.91
N SER A 433 -8.11 -19.86 -31.04
CA SER A 433 -8.20 -21.24 -31.48
C SER A 433 -7.23 -21.55 -32.61
N CYS A 434 -6.45 -20.56 -33.02
CA CYS A 434 -5.43 -20.77 -34.04
C CYS A 434 -4.32 -21.68 -33.53
N PRO A 435 -3.70 -22.45 -34.43
CA PRO A 435 -2.54 -23.27 -34.04
C PRO A 435 -1.36 -22.41 -33.63
N PRO A 436 -0.59 -22.85 -32.62
CA PRO A 436 0.54 -22.11 -32.05
C PRO A 436 1.58 -21.62 -33.06
N TYR A 437 1.68 -22.22 -34.24
CA TYR A 437 2.67 -21.77 -35.20
C TYR A 437 2.26 -20.43 -35.83
N LYS A 438 0.99 -20.06 -35.65
CA LYS A 438 0.51 -18.77 -36.12
C LYS A 438 0.82 -17.68 -35.10
N TYR A 439 1.24 -18.09 -33.91
CA TYR A 439 1.52 -17.15 -32.83
C TYR A 439 2.88 -16.50 -32.98
N LYS A 440 3.08 -15.42 -32.23
CA LYS A 440 4.37 -14.74 -32.22
C LYS A 440 4.77 -14.47 -30.77
N LEU A 441 5.99 -14.86 -30.41
CA LEU A 441 6.50 -14.56 -29.08
C LEU A 441 7.10 -13.16 -29.04
N ARG A 442 6.44 -12.25 -28.33
CA ARG A 442 6.96 -10.90 -28.16
CA ARG A 442 6.95 -10.91 -28.16
C ARG A 442 7.77 -10.82 -26.88
N TYR A 443 9.04 -10.42 -27.01
CA TYR A 443 9.95 -10.39 -25.87
C TYR A 443 10.67 -9.06 -25.73
N ARG A 444 10.98 -8.69 -24.48
CA ARG A 444 11.72 -7.46 -24.23
C ARG A 444 13.22 -7.68 -24.41
N TYR A 445 13.74 -8.73 -23.79
CA TYR A 445 15.16 -9.04 -23.88
C TYR A 445 15.37 -10.49 -24.31
N THR A 446 16.44 -10.72 -25.09
CA THR A 446 16.93 -12.06 -25.28
C THR A 446 17.62 -12.47 -23.98
N LEU A 447 17.80 -13.78 -23.78
CA LEU A 447 18.52 -14.24 -22.61
C LEU A 447 19.96 -13.73 -22.64
N ASP A 448 20.50 -13.58 -23.85
CA ASP A 448 21.87 -13.09 -24.02
C ASP A 448 22.01 -11.61 -23.69
N ASP A 449 20.88 -10.89 -23.65
CA ASP A 449 20.89 -9.50 -23.21
C ASP A 449 20.85 -9.42 -21.69
N LEU A 450 20.14 -10.37 -21.09
CA LEU A 450 19.85 -10.33 -19.66
C LEU A 450 21.06 -10.60 -18.78
N TYR A 451 21.89 -11.55 -19.17
CA TYR A 451 23.05 -11.94 -18.35
C TYR A 451 24.08 -10.82 -18.16
N PRO A 452 24.39 -10.04 -19.21
CA PRO A 452 25.25 -8.88 -18.96
C PRO A 452 24.63 -7.86 -18.01
N MET A 453 23.31 -7.69 -18.08
CA MET A 453 22.61 -6.76 -17.19
C MET A 453 22.78 -7.16 -15.73
N MET A 454 22.61 -8.45 -15.47
CA MET A 454 22.80 -8.98 -14.12
C MET A 454 24.27 -8.92 -13.72
N ASN A 455 25.15 -9.11 -14.69
CA ASN A 455 26.59 -9.08 -14.45
C ASN A 455 27.07 -7.70 -14.01
N ALA A 456 26.43 -6.66 -14.53
CA ALA A 456 26.74 -5.30 -14.13
C ALA A 456 26.42 -5.09 -12.66
N LEU A 457 25.29 -5.63 -12.22
CA LEU A 457 24.88 -5.59 -10.82
C LEU A 457 25.89 -6.30 -9.92
N LYS A 458 26.46 -7.38 -10.43
CA LYS A 458 27.44 -8.16 -9.69
C LYS A 458 28.69 -7.33 -9.45
N LEU A 459 29.15 -6.63 -10.49
CA LEU A 459 30.32 -5.77 -10.40
C LEU A 459 30.11 -4.62 -9.43
N ARG A 460 28.93 -4.02 -9.48
CA ARG A 460 28.60 -2.90 -8.61
C ARG A 460 28.57 -3.33 -7.14
N ALA A 461 28.10 -4.55 -6.90
CA ALA A 461 28.04 -5.08 -5.54
C ALA A 461 29.41 -5.55 -5.06
N GLU A 462 30.37 -5.58 -6.00
CA GLU A 462 31.76 -5.96 -5.74
C GLU A 462 31.91 -7.21 -4.87
ZN ZN B . -1.66 -14.71 -17.91
ZN ZN C . -5.49 -16.70 -33.59
C01 GZA D . -10.14 4.35 0.91
C02 GZA D . -10.81 5.46 0.02
C03 GZA D . -10.01 6.26 -0.82
C04 GZA D . -10.60 7.25 -1.63
C05 GZA D . -11.98 7.45 -1.60
C06 GZA D . -12.78 6.65 -0.75
C07 GZA D . -12.19 5.66 0.06
N08 GZA D . -10.23 4.75 2.31
C09 GZA D . -9.30 5.47 2.98
C10 GZA D . -9.74 5.63 4.29
C11 GZA D . -10.99 4.97 4.37
N12 GZA D . -11.24 4.45 3.15
O13 GZA D . -9.11 6.34 5.34
C14 GZA D . -7.94 5.72 5.83
N15 GZA D . -7.35 6.22 7.03
C16 GZA D . -6.20 5.63 7.54
C17 GZA D . -5.56 4.46 6.82
C18 GZA D . -4.39 3.85 7.34
C19 GZA D . -3.85 2.79 6.65
N20 GZA D . -4.41 2.32 5.51
C21 GZA D . -5.52 2.89 5.02
C22 GZA D . -6.13 3.98 5.67
N23 GZA D . -7.35 4.60 5.14
O24 GZA D . -5.70 6.07 8.57
MN MN E . -3.34 0.74 4.58
NA NA F . -25.14 -0.65 12.24
P PO4 G . -5.48 -20.37 -14.38
O1 PO4 G . -5.51 -19.32 -13.29
O2 PO4 G . -6.43 -21.49 -14.00
O3 PO4 G . -4.08 -20.92 -14.51
O4 PO4 G . -5.91 -19.76 -15.69
N1 EPE H . -7.96 -9.72 -1.47
C2 EPE H . -8.49 -10.72 -0.54
C3 EPE H . -9.48 -10.02 0.37
N4 EPE H . -10.53 -9.38 -0.41
C5 EPE H . -10.16 -8.62 -1.58
C6 EPE H . -9.03 -9.27 -2.39
C7 EPE H . -11.74 -9.02 0.31
C8 EPE H . -11.44 -8.16 1.53
O8 EPE H . -12.60 -8.05 2.32
C9 EPE H . -6.83 -10.30 -2.21
C10 EPE H . -5.57 -9.97 -1.43
S EPE H . -4.08 -9.81 -2.42
O1S EPE H . -3.75 -8.40 -2.56
O2S EPE H . -4.30 -10.39 -3.75
O3S EPE H . -2.97 -10.50 -1.78
C1 EDO I . 6.34 -1.03 -14.17
O1 EDO I . 5.25 -0.66 -15.01
C2 EDO I . 7.17 0.19 -13.80
O2 EDO I . 8.22 -0.22 -12.91
C1 EDO J . -3.79 -7.07 -24.22
O1 EDO J . -4.61 -8.18 -23.80
C2 EDO J . -4.46 -5.75 -23.84
O2 EDO J . -4.34 -5.56 -22.43
C1 EDO K . 10.77 -18.96 -29.51
O1 EDO K . 9.47 -19.53 -29.71
C2 EDO K . 11.41 -18.64 -30.86
O2 EDO K . 11.45 -19.82 -31.67
C1 EDO L . -15.06 13.94 16.58
O1 EDO L . -15.73 13.81 15.33
C2 EDO L . -14.50 15.35 16.75
O2 EDO L . -13.61 15.40 17.87
#